data_9D5C
#
_entry.id   9D5C
#
_cell.length_a   1.00
_cell.length_b   1.00
_cell.length_c   1.00
_cell.angle_alpha   90.00
_cell.angle_beta   90.00
_cell.angle_gamma   90.00
#
_symmetry.space_group_name_H-M   'P 1'
#
loop_
_entity.id
_entity.type
_entity.pdbx_description
1 polymer Alpha-synuclein
2 non-polymer 2-acetamido-2-deoxy-beta-D-glucopyranose
#
_entity_poly.entity_id   1
_entity_poly.type   'polypeptide(L)'
_entity_poly.pdbx_seq_one_letter_code
;MDVFMKGLSKAKEGVVAAAEKTKQGVAEAAGKTKEGVLYVGSKTKEGVVHGVATVAEKTKEQVTNVGGAVVTGVTAVAQK
TVEGAGSIAAATGFVK
;
_entity_poly.pdbx_strand_id   A,G,C,H,B,F
#
# COMPACT_ATOMS: atom_id res chain seq x y z
N MET A 1 37.38 -8.00 19.64
CA MET A 1 36.96 -8.30 18.27
C MET A 1 35.72 -9.18 18.25
N ASP A 2 34.56 -8.53 18.26
CA ASP A 2 33.28 -9.19 18.07
C ASP A 2 32.17 -8.15 18.01
N VAL A 3 31.09 -8.49 17.31
CA VAL A 3 29.94 -7.59 17.15
C VAL A 3 28.69 -8.37 17.54
N PHE A 4 27.79 -7.72 18.27
CA PHE A 4 26.58 -8.36 18.78
C PHE A 4 25.36 -7.60 18.30
N MET A 5 24.24 -8.31 18.15
CA MET A 5 22.96 -7.65 17.98
C MET A 5 22.22 -7.59 19.31
N LYS A 6 22.11 -8.73 19.98
CA LYS A 6 21.44 -8.80 21.28
C LYS A 6 22.14 -9.72 22.27
N GLY A 7 23.42 -10.02 22.06
CA GLY A 7 24.11 -11.02 22.85
C GLY A 7 25.08 -10.45 23.86
N LEU A 8 25.77 -11.36 24.55
CA LEU A 8 26.69 -11.00 25.62
C LEU A 8 27.94 -11.85 25.50
N SER A 9 29.06 -11.31 26.01
CA SER A 9 30.35 -11.96 25.89
C SER A 9 31.08 -11.94 27.23
N LYS A 10 31.82 -13.02 27.49
CA LYS A 10 32.70 -13.14 28.65
C LYS A 10 31.97 -12.77 29.94
N ALA A 11 30.95 -13.57 30.25
CA ALA A 11 30.12 -13.33 31.41
C ALA A 11 29.97 -14.61 32.21
N LYS A 12 29.78 -14.46 33.52
CA LYS A 12 29.60 -15.59 34.41
C LYS A 12 28.23 -15.48 35.07
N GLU A 13 27.50 -16.61 35.09
CA GLU A 13 26.18 -16.71 35.68
C GLU A 13 25.25 -15.65 35.08
N GLY A 14 24.91 -15.87 33.81
CA GLY A 14 24.02 -14.96 33.09
C GLY A 14 22.59 -15.49 33.02
N VAL A 15 21.63 -14.60 33.25
CA VAL A 15 20.21 -14.91 33.12
C VAL A 15 19.58 -13.88 32.20
N VAL A 16 18.97 -14.35 31.11
CA VAL A 16 18.40 -13.47 30.09
C VAL A 16 16.98 -13.92 29.81
N ALA A 17 16.05 -12.96 29.75
CA ALA A 17 14.67 -13.22 29.36
C ALA A 17 14.21 -12.08 28.46
N ALA A 18 13.66 -12.42 27.29
CA ALA A 18 13.25 -11.42 26.33
C ALA A 18 12.07 -11.93 25.53
N ALA A 19 11.31 -10.99 24.96
CA ALA A 19 10.16 -11.33 24.13
C ALA A 19 9.78 -10.10 23.31
N GLU A 20 9.46 -10.32 22.04
CA GLU A 20 9.21 -9.22 21.11
C GLU A 20 7.96 -9.49 20.28
N LYS A 21 7.31 -8.41 19.85
CA LYS A 21 6.21 -8.46 18.91
C LYS A 21 6.52 -7.52 17.74
N THR A 22 7.73 -7.62 17.22
CA THR A 22 8.29 -6.64 16.30
C THR A 22 8.09 -7.05 14.85
N LYS A 23 8.21 -6.05 13.97
CA LYS A 23 8.19 -6.25 12.52
C LYS A 23 9.38 -5.47 11.95
N GLN A 24 10.54 -6.10 11.91
CA GLN A 24 11.76 -5.44 11.47
C GLN A 24 11.97 -5.66 9.98
N GLY A 25 12.29 -4.58 9.26
CA GLY A 25 12.59 -4.67 7.86
C GLY A 25 13.87 -5.43 7.60
N VAL A 26 15.00 -4.89 8.08
CA VAL A 26 16.29 -5.53 7.95
C VAL A 26 16.97 -5.52 9.30
N ALA A 27 17.37 -6.68 9.79
CA ALA A 27 18.09 -6.83 11.04
C ALA A 27 19.47 -7.42 10.80
N GLU A 28 20.10 -7.00 9.70
CA GLU A 28 21.35 -7.60 9.27
C GLU A 28 22.48 -7.22 10.22
N ALA A 29 23.32 -8.19 10.55
CA ALA A 29 24.51 -7.98 11.36
C ALA A 29 25.75 -8.22 10.51
N ALA A 30 26.59 -7.20 10.39
CA ALA A 30 27.73 -7.25 9.48
C ALA A 30 29.00 -6.89 10.22
N GLY A 31 30.04 -7.70 10.04
CA GLY A 31 31.38 -7.35 10.46
C GLY A 31 32.30 -7.27 9.27
N LYS A 32 32.74 -6.07 8.90
CA LYS A 32 33.55 -5.86 7.71
C LYS A 32 34.94 -5.41 8.13
N THR A 33 35.91 -6.29 8.04
CA THR A 33 37.31 -5.98 8.32
C THR A 33 38.09 -6.03 7.01
N LYS A 34 38.85 -4.98 6.75
CA LYS A 34 39.57 -4.83 5.49
C LYS A 34 40.98 -4.33 5.80
N GLU A 35 41.96 -5.24 5.74
CA GLU A 35 43.34 -4.89 6.04
C GLU A 35 44.27 -5.53 5.01
N GLY A 36 45.41 -4.87 4.79
CA GLY A 36 46.39 -5.36 3.85
C GLY A 36 45.84 -5.52 2.44
N VAL A 37 45.49 -4.40 1.81
CA VAL A 37 44.82 -4.44 0.52
C VAL A 37 45.22 -3.21 -0.29
N LEU A 38 45.28 -3.38 -1.61
CA LEU A 38 45.75 -2.35 -2.53
C LEU A 38 44.77 -2.22 -3.68
N TYR A 39 44.62 -1.01 -4.21
CA TYR A 39 43.64 -0.76 -5.26
C TYR A 39 44.17 0.10 -6.41
N VAL A 40 45.33 -0.22 -6.95
CA VAL A 40 45.86 0.56 -8.07
C VAL A 40 44.93 0.42 -9.26
N GLY A 41 44.41 1.55 -9.74
CA GLY A 41 43.57 1.57 -10.92
C GLY A 41 42.30 0.76 -10.78
N SER A 42 41.39 1.16 -9.90
CA SER A 42 40.20 0.36 -9.67
C SER A 42 39.07 1.24 -9.16
N LYS A 43 37.85 0.74 -9.33
CA LYS A 43 36.64 1.36 -8.80
C LYS A 43 35.94 0.37 -7.88
N THR A 44 35.64 0.81 -6.65
CA THR A 44 35.03 -0.04 -5.64
C THR A 44 33.74 0.62 -5.14
N LYS A 45 32.67 -0.16 -5.08
CA LYS A 45 31.37 0.33 -4.58
C LYS A 45 30.78 -0.72 -3.67
N GLU A 46 30.39 -0.31 -2.46
CA GLU A 46 29.74 -1.18 -1.49
C GLU A 46 28.53 -0.44 -0.93
N GLY A 47 27.41 -1.15 -0.81
CA GLY A 47 26.19 -0.49 -0.33
C GLY A 47 25.13 -1.46 0.12
N VAL A 48 24.28 -0.97 1.02
CA VAL A 48 23.07 -1.66 1.46
C VAL A 48 21.90 -0.72 1.26
N VAL A 49 20.90 -1.15 0.51
CA VAL A 49 19.88 -0.26 -0.01
C VAL A 49 18.50 -0.82 0.32
N HIS A 50 17.53 0.08 0.53
CA HIS A 50 16.11 -0.28 0.66
C HIS A 50 15.87 -1.25 1.80
N GLY A 51 16.13 -0.76 3.01
CA GLY A 51 15.80 -1.52 4.20
C GLY A 51 14.40 -1.23 4.71
N VAL A 52 13.44 -1.10 3.79
CA VAL A 52 12.06 -0.79 4.16
C VAL A 52 11.43 -1.99 4.87
N ALA A 53 10.56 -1.69 5.84
CA ALA A 53 9.87 -2.74 6.58
C ALA A 53 8.48 -3.02 6.01
N THR A 54 7.60 -2.03 6.01
CA THR A 54 6.22 -2.26 5.60
C THR A 54 5.66 -1.03 4.90
N VAL A 55 4.67 -1.26 4.05
CA VAL A 55 3.93 -0.21 3.39
C VAL A 55 2.44 -0.59 3.42
N ALA A 56 1.59 0.42 3.54
CA ALA A 56 0.14 0.26 3.43
C ALA A 56 -0.37 -0.83 4.38
N GLU A 57 0.15 -0.84 5.59
CA GLU A 57 -0.22 -1.81 6.61
C GLU A 57 -1.42 -1.30 7.41
N LYS A 58 -2.43 -2.15 7.57
CA LYS A 58 -3.61 -1.82 8.35
C LYS A 58 -3.80 -2.89 9.41
N THR A 59 -3.80 -2.48 10.67
CA THR A 59 -3.92 -3.41 11.80
C THR A 59 -4.95 -2.87 12.77
N LYS A 60 -5.89 -3.72 13.19
CA LYS A 60 -6.95 -3.33 14.11
C LYS A 60 -7.15 -4.42 15.14
N GLU A 61 -7.21 -4.02 16.42
CA GLU A 61 -7.49 -4.95 17.51
C GLU A 61 -8.60 -4.37 18.37
N GLN A 62 -9.71 -5.09 18.45
CA GLN A 62 -10.86 -4.69 19.25
C GLN A 62 -11.07 -5.71 20.35
N VAL A 63 -11.12 -5.23 21.59
CA VAL A 63 -11.35 -6.09 22.76
C VAL A 63 -12.58 -5.58 23.48
N THR A 64 -13.62 -6.41 23.53
CA THR A 64 -14.85 -6.09 24.22
C THR A 64 -15.12 -7.13 25.29
N ASN A 65 -14.92 -6.75 26.55
CA ASN A 65 -15.06 -7.66 27.67
C ASN A 65 -16.10 -7.11 28.63
N VAL A 66 -17.00 -7.99 29.10
CA VAL A 66 -18.03 -7.63 30.06
C VAL A 66 -17.85 -8.53 31.28
N GLY A 67 -17.48 -7.93 32.39
CA GLY A 67 -17.33 -8.67 33.65
C GLY A 67 -16.30 -9.77 33.58
N GLY A 68 -15.13 -9.48 33.01
CA GLY A 68 -14.09 -10.49 32.90
C GLY A 68 -12.70 -9.92 33.08
N ALA A 69 -11.69 -10.70 32.71
CA ALA A 69 -10.31 -10.26 32.81
C ALA A 69 -9.48 -10.98 31.77
N VAL A 70 -8.88 -10.23 30.85
CA VAL A 70 -8.11 -10.80 29.76
C VAL A 70 -6.71 -10.22 29.78
N VAL A 71 -5.76 -10.94 29.20
CA VAL A 71 -4.36 -10.53 29.18
C VAL A 71 -3.89 -10.50 27.74
N THR A 72 -3.41 -9.34 27.29
CA THR A 72 -2.88 -9.17 25.95
C THR A 72 -1.59 -8.37 26.03
N GLY A 73 -0.59 -8.77 25.26
CA GLY A 73 0.64 -8.02 25.17
C GLY A 73 1.83 -8.92 25.32
N VAL A 74 2.97 -8.29 25.59
CA VAL A 74 4.25 -8.98 25.73
C VAL A 74 4.79 -8.70 27.13
N THR A 75 5.20 -9.75 27.83
CA THR A 75 5.72 -9.63 29.18
C THR A 75 6.92 -10.55 29.34
N ALA A 76 7.97 -10.06 29.99
CA ALA A 76 9.17 -10.84 30.27
C ALA A 76 9.59 -10.59 31.70
N VAL A 77 9.85 -11.67 32.45
CA VAL A 77 10.23 -11.60 33.85
C VAL A 77 11.42 -12.51 34.08
N ALA A 78 12.44 -11.99 34.76
CA ALA A 78 13.61 -12.76 35.11
C ALA A 78 14.01 -12.44 36.53
N GLN A 79 14.32 -13.47 37.32
CA GLN A 79 14.64 -13.27 38.72
C GLN A 79 15.62 -14.34 39.18
N LYS A 80 16.62 -13.92 39.96
CA LYS A 80 17.61 -14.82 40.50
C LYS A 80 17.80 -14.52 41.97
N THR A 81 17.97 -15.56 42.79
CA THR A 81 18.12 -15.39 44.23
C THR A 81 19.16 -16.36 44.76
N VAL A 82 20.02 -15.86 45.65
CA VAL A 82 21.04 -16.69 46.26
C VAL A 82 20.41 -17.46 47.41
N GLU A 83 19.77 -16.75 48.34
CA GLU A 83 18.85 -17.37 49.28
C GLU A 83 17.76 -16.36 49.61
N GLY A 84 16.59 -16.86 49.98
CA GLY A 84 15.50 -15.99 50.36
C GLY A 84 14.24 -16.37 49.62
N ALA A 85 13.34 -15.39 49.49
CA ALA A 85 12.04 -15.59 48.87
C ALA A 85 11.75 -14.44 47.93
N GLY A 86 11.27 -14.77 46.73
CA GLY A 86 10.87 -13.76 45.77
C GLY A 86 9.43 -13.91 45.33
N SER A 87 8.59 -12.94 45.66
CA SER A 87 7.18 -12.95 45.30
C SER A 87 6.95 -11.89 44.24
N ILE A 88 6.76 -12.31 42.99
CA ILE A 88 6.60 -11.40 41.87
C ILE A 88 5.35 -11.82 41.10
N ALA A 89 4.47 -10.85 40.84
CA ALA A 89 3.27 -11.09 40.05
C ALA A 89 3.15 -10.00 39.00
N ALA A 90 2.81 -10.40 37.78
CA ALA A 90 2.67 -9.47 36.67
C ALA A 90 1.42 -9.79 35.87
N ALA A 91 0.64 -8.75 35.57
CA ALA A 91 -0.56 -8.86 34.74
C ALA A 91 -1.53 -9.91 35.31
N THR A 92 -1.95 -9.69 36.54
CA THR A 92 -2.85 -10.61 37.23
C THR A 92 -4.21 -9.94 37.46
N GLY A 93 -5.25 -10.76 37.40
CA GLY A 93 -6.59 -10.26 37.63
C GLY A 93 -7.37 -11.10 38.63
N PHE A 94 -7.74 -10.50 39.75
CA PHE A 94 -8.50 -11.17 40.81
C PHE A 94 -9.89 -10.58 40.83
N VAL A 95 -10.90 -11.43 40.68
CA VAL A 95 -12.30 -11.01 40.63
C VAL A 95 -13.09 -11.84 41.65
N LYS A 96 -13.91 -11.18 42.45
CA LYS A 96 -14.79 -11.88 43.37
C LYS A 96 -16.22 -11.38 43.23
N MET B 1 -36.39 12.99 -16.13
CA MET B 1 -36.11 11.83 -15.28
C MET B 1 -35.20 10.83 -15.98
N ASP B 2 -33.90 11.03 -15.80
CA ASP B 2 -32.87 10.09 -16.25
C ASP B 2 -31.51 10.58 -15.77
N VAL B 3 -30.59 9.62 -15.60
CA VAL B 3 -29.24 9.90 -15.14
C VAL B 3 -28.27 9.24 -16.11
N PHE B 4 -27.20 9.94 -16.46
CA PHE B 4 -26.23 9.46 -17.44
C PHE B 4 -24.85 9.44 -16.82
N MET B 5 -23.99 8.53 -17.30
CA MET B 5 -22.58 8.61 -16.98
C MET B 5 -21.83 9.26 -18.13
N LYS B 6 -22.05 8.78 -19.36
CA LYS B 6 -21.40 9.33 -20.53
C LYS B 6 -22.32 9.42 -21.74
N GLY B 7 -23.64 9.38 -21.54
CA GLY B 7 -24.58 9.26 -22.63
C GLY B 7 -25.31 10.56 -22.94
N LEU B 8 -26.23 10.47 -23.91
CA LEU B 8 -26.98 11.61 -24.40
C LEU B 8 -28.43 11.22 -24.60
N SER B 9 -29.31 12.21 -24.51
CA SER B 9 -30.75 11.98 -24.58
C SER B 9 -31.41 12.98 -25.51
N LYS B 10 -32.43 12.51 -26.23
CA LYS B 10 -33.29 13.35 -27.07
C LYS B 10 -32.45 14.21 -28.02
N ALA B 11 -31.72 13.53 -28.88
CA ALA B 11 -30.82 14.21 -29.80
C ALA B 11 -31.06 13.69 -31.22
N LYS B 12 -30.79 14.53 -32.20
CA LYS B 12 -30.94 14.17 -33.60
C LYS B 12 -29.60 14.31 -34.29
N GLU B 13 -29.24 13.28 -35.08
CA GLU B 13 -27.99 13.23 -35.83
C GLU B 13 -26.79 13.43 -34.89
N GLY B 14 -26.56 12.42 -34.05
CA GLY B 14 -25.46 12.44 -33.10
C GLY B 14 -24.26 11.65 -33.59
N VAL B 15 -23.07 12.20 -33.41
CA VAL B 15 -21.81 11.53 -33.73
C VAL B 15 -20.93 11.60 -32.50
N VAL B 16 -20.51 10.44 -32.00
CA VAL B 16 -19.73 10.35 -30.77
C VAL B 16 -18.51 9.47 -31.04
N ALA B 17 -17.34 9.93 -30.60
CA ALA B 17 -16.11 9.16 -30.66
C ALA B 17 -15.34 9.35 -29.36
N ALA B 18 -14.95 8.25 -28.72
CA ALA B 18 -14.27 8.34 -27.43
C ALA B 18 -13.31 7.16 -27.28
N ALA B 19 -12.32 7.34 -26.42
CA ALA B 19 -11.35 6.29 -26.13
C ALA B 19 -10.63 6.63 -24.83
N GLU B 20 -10.42 5.62 -24.00
CA GLU B 20 -9.87 5.83 -22.67
C GLU B 20 -8.79 4.80 -22.36
N LYS B 21 -7.85 5.19 -21.50
CA LYS B 21 -6.83 4.31 -20.95
C LYS B 21 -6.87 4.40 -19.44
N THR B 22 -8.07 4.31 -18.88
CA THR B 22 -8.32 4.65 -17.48
C THR B 22 -8.29 3.42 -16.59
N LYS B 23 -8.12 3.67 -15.29
CA LYS B 23 -8.20 2.64 -14.25
C LYS B 23 -9.09 3.18 -13.15
N GLN B 24 -10.40 2.97 -13.30
CA GLN B 24 -11.38 3.52 -12.37
C GLN B 24 -11.67 2.51 -11.27
N GLY B 25 -11.66 2.97 -10.02
CA GLY B 25 -12.01 2.13 -8.90
C GLY B 25 -13.47 1.73 -8.92
N VAL B 26 -14.36 2.70 -8.80
CA VAL B 26 -15.80 2.47 -8.85
C VAL B 26 -16.41 3.48 -9.82
N ALA B 27 -17.13 2.98 -10.81
CA ALA B 27 -17.84 3.81 -11.78
C ALA B 27 -19.33 3.57 -11.70
N GLU B 28 -19.84 3.38 -10.49
CA GLU B 28 -21.22 2.98 -10.28
C GLU B 28 -22.16 4.13 -10.62
N ALA B 29 -23.25 3.80 -11.31
CA ALA B 29 -24.30 4.75 -11.64
C ALA B 29 -25.57 4.37 -10.90
N ALA B 30 -26.07 5.28 -10.07
CA ALA B 30 -27.19 4.98 -9.18
C ALA B 30 -28.28 6.03 -9.36
N GLY B 31 -29.51 5.57 -9.52
CA GLY B 31 -30.67 6.43 -9.43
C GLY B 31 -31.56 5.99 -8.27
N LYS B 32 -31.63 6.79 -7.22
CA LYS B 32 -32.36 6.44 -6.01
C LYS B 32 -33.53 7.39 -5.84
N THR B 33 -34.74 6.91 -6.13
CA THR B 33 -35.96 7.66 -5.95
C THR B 33 -36.75 7.04 -4.80
N LYS B 34 -37.16 7.86 -3.85
CA LYS B 34 -37.84 7.40 -2.64
C LYS B 34 -39.02 8.32 -2.38
N GLU B 35 -40.23 7.86 -2.69
CA GLU B 35 -41.44 8.64 -2.50
C GLU B 35 -42.53 7.78 -1.89
N GLY B 36 -43.42 8.43 -1.14
CA GLY B 36 -44.53 7.73 -0.51
C GLY B 36 -44.08 6.63 0.42
N VAL B 37 -43.43 7.01 1.52
CA VAL B 37 -42.82 6.03 2.42
C VAL B 37 -42.85 6.57 3.84
N LEU B 38 -43.00 5.67 4.81
CA LEU B 38 -43.15 6.01 6.22
C LEU B 38 -42.21 5.16 7.05
N TYR B 39 -41.71 5.72 8.14
CA TYR B 39 -40.71 5.03 8.97
C TYR B 39 -40.99 5.13 10.46
N VAL B 40 -42.21 4.85 10.90
CA VAL B 40 -42.50 4.90 12.33
C VAL B 40 -41.67 3.84 13.05
N GLY B 41 -40.86 4.28 14.01
CA GLY B 41 -40.07 3.37 14.81
C GLY B 41 -39.10 2.51 14.03
N SER B 42 -38.10 3.13 13.41
CA SER B 42 -37.20 2.36 12.57
C SER B 42 -35.84 3.04 12.48
N LYS B 43 -34.83 2.24 12.12
CA LYS B 43 -33.48 2.74 11.87
C LYS B 43 -33.10 2.37 10.44
N THR B 44 -32.65 3.36 9.67
CA THR B 44 -32.30 3.17 8.27
C THR B 44 -30.87 3.64 8.04
N LYS B 45 -30.07 2.83 7.36
CA LYS B 45 -28.69 3.16 7.03
C LYS B 45 -28.41 2.77 5.58
N GLU B 46 -27.88 3.71 4.81
CA GLU B 46 -27.50 3.48 3.42
C GLU B 46 -26.13 4.06 3.19
N GLY B 47 -25.26 3.32 2.51
CA GLY B 47 -23.90 3.79 2.31
C GLY B 47 -23.17 3.07 1.21
N VAL B 48 -22.19 3.77 0.64
CA VAL B 48 -21.24 3.20 -0.31
C VAL B 48 -19.85 3.50 0.20
N VAL B 49 -19.03 2.47 0.38
CA VAL B 49 -17.80 2.56 1.15
C VAL B 49 -16.65 2.01 0.32
N HIS B 50 -15.45 2.56 0.52
CA HIS B 50 -14.20 2.01 -0.02
C HIS B 50 -14.24 1.90 -1.55
N GLY B 51 -14.31 3.06 -2.18
CA GLY B 51 -14.20 3.13 -3.62
C GLY B 51 -12.76 3.30 -4.08
N VAL B 52 -11.84 2.60 -3.44
CA VAL B 52 -10.42 2.71 -3.78
C VAL B 52 -10.16 2.08 -5.15
N ALA B 53 -9.22 2.66 -5.90
CA ALA B 53 -8.86 2.13 -7.21
C ALA B 53 -7.64 1.22 -7.15
N THR B 54 -6.50 1.76 -6.71
CA THR B 54 -5.26 0.99 -6.76
C THR B 54 -4.39 1.35 -5.57
N VAL B 55 -3.53 0.41 -5.19
CA VAL B 55 -2.50 0.64 -4.18
C VAL B 55 -1.21 -0.01 -4.66
N ALA B 56 -0.08 0.60 -4.31
CA ALA B 56 1.25 0.04 -4.57
C ALA B 56 1.43 -0.34 -6.03
N GLU B 57 0.96 0.53 -6.92
CA GLU B 57 1.04 0.31 -8.36
C GLU B 57 2.35 0.87 -8.89
N LYS B 58 3.06 0.06 -9.68
CA LYS B 58 4.30 0.50 -10.31
C LYS B 58 4.19 0.27 -11.82
N THR B 59 4.32 1.35 -12.58
CA THR B 59 4.20 1.29 -14.03
C THR B 59 5.37 2.02 -14.67
N LYS B 60 6.00 1.39 -15.65
CA LYS B 60 7.15 1.97 -16.33
C LYS B 60 7.05 1.72 -17.83
N GLU B 61 7.25 2.78 -18.61
CA GLU B 61 7.25 2.67 -20.07
C GLU B 61 8.50 3.34 -20.61
N GLN B 62 9.35 2.56 -21.27
CA GLN B 62 10.58 3.05 -21.86
C GLN B 62 10.50 2.90 -23.38
N VAL B 63 10.71 4.00 -24.09
CA VAL B 63 10.70 4.00 -25.55
C VAL B 63 12.05 4.50 -26.03
N THR B 64 12.79 3.64 -26.73
CA THR B 64 14.08 4.00 -27.30
C THR B 64 14.04 3.77 -28.80
N ASN B 65 13.99 4.87 -29.56
CA ASN B 65 13.88 4.83 -31.00
C ASN B 65 15.05 5.55 -31.63
N VAL B 66 15.65 4.94 -32.64
CA VAL B 66 16.76 5.53 -33.38
C VAL B 66 16.35 5.63 -34.84
N GLY B 67 16.20 6.87 -35.32
CA GLY B 67 15.87 7.09 -36.71
C GLY B 67 14.55 6.48 -37.15
N GLY B 68 13.51 6.65 -36.33
CA GLY B 68 12.21 6.09 -36.65
C GLY B 68 11.07 6.97 -36.24
N ALA B 69 9.86 6.42 -36.23
CA ALA B 69 8.68 7.16 -35.82
C ALA B 69 7.64 6.19 -35.27
N VAL B 70 7.28 6.36 -34.00
CA VAL B 70 6.34 5.46 -33.34
C VAL B 70 5.20 6.28 -32.79
N VAL B 71 4.05 5.63 -32.59
CA VAL B 71 2.84 6.28 -32.10
C VAL B 71 2.38 5.54 -30.86
N THR B 72 2.26 6.28 -29.74
CA THR B 72 1.77 5.72 -28.49
C THR B 72 0.79 6.70 -27.87
N GLY B 73 -0.30 6.19 -27.32
CA GLY B 73 -1.25 7.02 -26.61
C GLY B 73 -2.66 6.74 -27.07
N VAL B 74 -3.56 7.65 -26.72
CA VAL B 74 -4.98 7.54 -27.03
C VAL B 74 -5.37 8.72 -27.89
N THR B 75 -6.06 8.46 -29.00
CA THR B 75 -6.50 9.50 -29.91
C THR B 75 -7.91 9.20 -30.39
N ALA B 76 -8.75 10.23 -30.44
CA ALA B 76 -10.12 10.11 -30.92
C ALA B 76 -10.43 11.27 -31.84
N VAL B 77 -10.97 10.96 -33.02
CA VAL B 77 -11.28 11.95 -34.04
C VAL B 77 -12.69 11.72 -34.55
N ALA B 78 -13.49 12.77 -34.62
CA ALA B 78 -14.84 12.69 -35.15
C ALA B 78 -15.09 13.90 -36.04
N GLN B 79 -15.68 13.66 -37.21
CA GLN B 79 -15.89 14.75 -38.16
C GLN B 79 -17.14 14.47 -38.99
N LYS B 80 -17.94 15.50 -39.20
CA LYS B 80 -19.16 15.40 -40.00
C LYS B 80 -19.20 16.57 -40.96
N THR B 81 -19.67 16.31 -42.18
CA THR B 81 -19.72 17.34 -43.21
C THR B 81 -21.00 17.20 -44.02
N VAL B 82 -21.64 18.33 -44.30
CA VAL B 82 -22.86 18.33 -45.10
C VAL B 82 -22.46 18.26 -46.57
N GLU B 83 -21.62 19.20 -47.00
CA GLU B 83 -20.91 19.08 -48.27
C GLU B 83 -19.56 19.76 -48.13
N GLY B 84 -18.58 19.32 -48.90
CA GLY B 84 -17.28 19.92 -48.88
C GLY B 84 -16.20 18.87 -48.72
N ALA B 85 -15.06 19.31 -48.20
CA ALA B 85 -13.89 18.45 -48.03
C ALA B 85 -13.28 18.67 -46.66
N GLY B 86 -12.95 17.59 -45.97
CA GLY B 86 -12.29 17.67 -44.69
C GLY B 86 -10.98 16.93 -44.67
N SER B 87 -9.87 17.65 -44.49
CA SER B 87 -8.53 17.07 -44.45
C SER B 87 -8.02 17.18 -43.03
N ILE B 88 -7.99 16.05 -42.31
CA ILE B 88 -7.59 16.02 -40.91
C ILE B 88 -6.55 14.93 -40.75
N ALA B 89 -5.42 15.28 -40.13
CA ALA B 89 -4.37 14.32 -39.83
C ALA B 89 -3.94 14.49 -38.38
N ALA B 90 -3.76 13.37 -37.69
CA ALA B 90 -3.37 13.37 -36.30
C ALA B 90 -2.29 12.33 -36.05
N ALA B 91 -1.24 12.74 -35.34
CA ALA B 91 -0.16 11.84 -34.94
C ALA B 91 0.46 11.15 -36.16
N THR B 92 0.95 11.95 -37.09
CA THR B 92 1.56 11.44 -38.31
C THR B 92 3.05 11.74 -38.34
N GLY B 93 3.81 10.83 -38.94
CA GLY B 93 5.24 11.00 -39.06
C GLY B 93 5.74 10.77 -40.47
N PHE B 94 6.31 11.80 -41.07
CA PHE B 94 6.84 11.74 -42.42
C PHE B 94 8.36 11.85 -42.33
N VAL B 95 9.06 10.86 -42.88
CA VAL B 95 10.51 10.81 -42.83
C VAL B 95 11.03 10.58 -44.24
N LYS B 96 12.05 11.36 -44.64
CA LYS B 96 12.68 11.17 -45.93
C LYS B 96 14.20 11.10 -45.76
N MET C 1 37.86 -3.49 21.63
CA MET C 1 37.46 -3.78 20.26
C MET C 1 36.22 -4.67 20.22
N ASP C 2 35.06 -4.01 20.22
CA ASP C 2 33.77 -4.66 20.02
C ASP C 2 32.67 -3.62 19.95
N VAL C 3 31.60 -3.95 19.24
CA VAL C 3 30.46 -3.07 19.06
C VAL C 3 29.20 -3.83 19.43
N PHE C 4 28.29 -3.18 20.15
CA PHE C 4 27.08 -3.81 20.65
C PHE C 4 25.86 -3.04 20.16
N MET C 5 24.75 -3.75 20.00
CA MET C 5 23.47 -3.08 19.80
C MET C 5 22.71 -3.03 21.12
N LYS C 6 22.59 -4.17 21.80
CA LYS C 6 21.89 -4.22 23.09
C LYS C 6 22.59 -5.14 24.09
N GLY C 7 23.86 -5.45 23.89
CA GLY C 7 24.54 -6.46 24.69
C GLY C 7 25.51 -5.88 25.71
N LEU C 8 26.18 -6.79 26.41
CA LEU C 8 27.09 -6.45 27.49
C LEU C 8 28.35 -7.29 27.40
N SER C 9 29.46 -6.76 27.91
CA SER C 9 30.76 -7.42 27.81
C SER C 9 31.46 -7.40 29.15
N LYS C 10 32.19 -8.47 29.44
CA LYS C 10 33.07 -8.59 30.60
C LYS C 10 32.32 -8.23 31.88
N ALA C 11 31.29 -9.02 32.17
CA ALA C 11 30.45 -8.76 33.32
C ALA C 11 30.29 -10.05 34.13
N LYS C 12 30.08 -9.89 35.43
CA LYS C 12 29.88 -11.02 36.33
C LYS C 12 28.50 -10.92 36.97
N GLU C 13 27.78 -12.03 36.98
CA GLU C 13 26.44 -12.12 37.56
C GLU C 13 25.53 -11.06 36.94
N GLY C 14 25.20 -11.28 35.67
CA GLY C 14 24.32 -10.37 34.94
C GLY C 14 22.90 -10.90 34.86
N VAL C 15 21.93 -10.00 35.07
CA VAL C 15 20.52 -10.32 34.93
C VAL C 15 19.90 -9.29 33.99
N VAL C 16 19.30 -9.75 32.90
CA VAL C 16 18.75 -8.87 31.87
C VAL C 16 17.33 -9.31 31.57
N ALA C 17 16.41 -8.35 31.51
CA ALA C 17 15.03 -8.60 31.09
C ALA C 17 14.57 -7.46 30.19
N ALA C 18 14.04 -7.81 29.02
CA ALA C 18 13.64 -6.80 28.06
C ALA C 18 12.47 -7.31 27.23
N ALA C 19 11.72 -6.37 26.66
CA ALA C 19 10.59 -6.70 25.81
C ALA C 19 10.21 -5.47 24.98
N GLU C 20 9.91 -5.69 23.71
CA GLU C 20 9.67 -4.60 22.79
C GLU C 20 8.43 -4.86 21.94
N LYS C 21 7.80 -3.79 21.49
CA LYS C 21 6.70 -3.83 20.54
C LYS C 21 7.03 -2.90 19.38
N THR C 22 8.25 -3.00 18.88
CA THR C 22 8.81 -2.02 17.96
C THR C 22 8.64 -2.43 16.50
N LYS C 23 8.77 -1.44 15.63
CA LYS C 23 8.77 -1.63 14.17
C LYS C 23 9.96 -0.87 13.61
N GLN C 24 11.12 -1.51 13.60
CA GLN C 24 12.35 -0.85 13.16
C GLN C 24 12.57 -1.07 11.67
N GLY C 25 12.91 0.00 10.97
CA GLY C 25 13.22 -0.10 9.56
C GLY C 25 14.51 -0.85 9.31
N VAL C 26 15.62 -0.32 9.80
CA VAL C 26 16.92 -0.96 9.68
C VAL C 26 17.58 -0.95 11.06
N ALA C 27 17.97 -2.12 11.54
CA ALA C 27 18.67 -2.27 12.81
C ALA C 27 20.06 -2.85 12.59
N GLU C 28 20.70 -2.44 11.50
CA GLU C 28 21.96 -3.05 11.08
C GLU C 28 23.08 -2.67 12.04
N ALA C 29 23.91 -3.65 12.37
CA ALA C 29 25.09 -3.44 13.20
C ALA C 29 26.33 -3.68 12.36
N ALA C 30 27.19 -2.67 12.25
CA ALA C 30 28.34 -2.72 11.35
C ALA C 30 29.60 -2.36 12.12
N GLY C 31 30.64 -3.19 11.95
CA GLY C 31 31.98 -2.83 12.38
C GLY C 31 32.91 -2.77 11.19
N LYS C 32 33.35 -1.57 10.84
CA LYS C 32 34.18 -1.37 9.65
C LYS C 32 35.56 -0.90 10.08
N THR C 33 36.53 -1.81 10.01
CA THR C 33 37.93 -1.50 10.31
C THR C 33 38.72 -1.55 9.02
N LYS C 34 39.50 -0.50 8.75
CA LYS C 34 40.23 -0.35 7.50
C LYS C 34 41.64 0.13 7.83
N GLU C 35 42.61 -0.77 7.78
CA GLU C 35 43.99 -0.44 8.09
C GLU C 35 44.93 -1.07 7.08
N GLY C 36 46.08 -0.42 6.87
CA GLY C 36 47.07 -0.91 5.93
C GLY C 36 46.53 -1.07 4.53
N VAL C 37 46.19 0.05 3.89
CA VAL C 37 45.53 0.01 2.59
C VAL C 37 45.95 1.23 1.79
N LEU C 38 46.03 1.06 0.47
CA LEU C 38 46.51 2.08 -0.44
C LEU C 38 45.55 2.21 -1.62
N TYR C 39 45.40 3.42 -2.15
CA TYR C 39 44.43 3.68 -3.22
C TYR C 39 44.98 4.54 -4.35
N VAL C 40 46.16 4.21 -4.88
CA VAL C 40 46.70 4.99 -5.99
C VAL C 40 45.77 4.85 -7.19
N GLY C 41 45.27 5.98 -7.68
CA GLY C 41 44.44 6.00 -8.87
C GLY C 41 43.17 5.19 -8.75
N SER C 42 42.25 5.61 -7.87
CA SER C 42 41.05 4.81 -7.66
C SER C 42 39.92 5.68 -7.18
N LYS C 43 38.69 5.18 -7.35
CA LYS C 43 37.49 5.82 -6.83
C LYS C 43 36.77 4.84 -5.92
N THR C 44 36.47 5.28 -4.70
CA THR C 44 35.83 4.43 -3.70
C THR C 44 34.55 5.09 -3.21
N LYS C 45 33.46 4.32 -3.16
CA LYS C 45 32.17 4.81 -2.68
C LYS C 45 31.55 3.77 -1.77
N GLU C 46 31.16 4.18 -0.56
CA GLU C 46 30.49 3.33 0.40
C GLU C 46 29.27 4.06 0.95
N GLY C 47 28.15 3.36 1.05
CA GLY C 47 26.94 4.02 1.51
C GLY C 47 25.86 3.06 1.97
N VAL C 48 25.01 3.55 2.84
CA VAL C 48 23.79 2.87 3.28
C VAL C 48 22.63 3.82 3.06
N VAL C 49 21.63 3.39 2.30
CA VAL C 49 20.61 4.28 1.75
C VAL C 49 19.23 3.73 2.09
N HIS C 50 18.26 4.62 2.28
CA HIS C 50 16.85 4.28 2.39
C HIS C 50 16.58 3.31 3.54
N GLY C 51 16.83 3.80 4.75
CA GLY C 51 16.48 3.05 5.93
C GLY C 51 15.08 3.35 6.43
N VAL C 52 14.13 3.46 5.49
CA VAL C 52 12.75 3.78 5.85
C VAL C 52 12.11 2.60 6.57
N ALA C 53 11.22 2.90 7.52
CA ALA C 53 10.52 1.85 8.25
C ALA C 53 9.14 1.57 7.66
N THR C 54 8.26 2.56 7.66
CA THR C 54 6.89 2.34 7.23
C THR C 54 6.34 3.57 6.52
N VAL C 55 5.37 3.34 5.65
CA VAL C 55 4.62 4.41 4.99
C VAL C 55 3.15 4.03 5.00
N ALA C 56 2.29 5.04 5.10
CA ALA C 56 0.84 4.87 4.99
C ALA C 56 0.31 3.79 5.93
N GLU C 57 0.82 3.79 7.15
CA GLU C 57 0.43 2.82 8.16
C GLU C 57 -0.77 3.33 8.94
N LYS C 58 -1.79 2.50 9.09
CA LYS C 58 -2.97 2.83 9.86
C LYS C 58 -3.18 1.76 10.93
N THR C 59 -3.18 2.17 12.19
CA THR C 59 -3.33 1.24 13.31
C THR C 59 -4.37 1.79 14.27
N LYS C 60 -5.31 0.94 14.68
CA LYS C 60 -6.38 1.33 15.57
C LYS C 60 -6.60 0.25 16.62
N GLU C 61 -6.67 0.64 17.89
CA GLU C 61 -6.96 -0.26 18.98
C GLU C 61 -8.08 0.32 19.83
N GLN C 62 -9.20 -0.40 19.89
CA GLN C 62 -10.35 0.00 20.68
C GLN C 62 -10.57 -1.02 21.79
N VAL C 63 -10.64 -0.54 23.02
CA VAL C 63 -10.89 -1.38 24.19
C VAL C 63 -12.13 -0.87 24.89
N THR C 64 -13.17 -1.70 24.93
CA THR C 64 -14.42 -1.36 25.61
C THR C 64 -14.69 -2.41 26.68
N ASN C 65 -14.51 -2.03 27.93
CA ASN C 65 -14.66 -2.93 29.07
C ASN C 65 -15.72 -2.39 30.01
N VAL C 66 -16.62 -3.26 30.46
CA VAL C 66 -17.66 -2.90 31.42
C VAL C 66 -17.50 -3.78 32.64
N GLY C 67 -17.13 -3.18 33.76
CA GLY C 67 -17.00 -3.92 35.01
C GLY C 67 -15.98 -5.03 34.97
N GLY C 68 -14.81 -4.75 34.41
CA GLY C 68 -13.77 -5.75 34.31
C GLY C 68 -12.38 -5.19 34.51
N ALA C 69 -11.36 -5.98 34.15
CA ALA C 69 -9.98 -5.54 34.26
C ALA C 69 -9.14 -6.27 33.23
N VAL C 70 -8.53 -5.52 32.31
CA VAL C 70 -7.75 -6.11 31.23
C VAL C 70 -6.35 -5.52 31.28
N VAL C 71 -5.38 -6.24 30.72
CA VAL C 71 -3.99 -5.83 30.70
C VAL C 71 -3.51 -5.81 29.27
N THR C 72 -3.01 -4.65 28.82
CA THR C 72 -2.47 -4.51 27.48
C THR C 72 -1.18 -3.70 27.57
N GLY C 73 -0.17 -4.10 26.81
CA GLY C 73 1.06 -3.35 26.73
C GLY C 73 2.25 -4.26 26.91
N VAL C 74 3.40 -3.64 27.18
CA VAL C 74 4.66 -4.33 27.34
C VAL C 74 5.18 -4.05 28.75
N THR C 75 5.58 -5.10 29.46
CA THR C 75 6.10 -4.98 30.81
C THR C 75 7.28 -5.91 31.00
N ALA C 76 8.33 -5.42 31.65
CA ALA C 76 9.51 -6.21 31.94
C ALA C 76 9.93 -5.96 33.38
N VAL C 77 10.17 -7.04 34.12
CA VAL C 77 10.53 -6.96 35.53
C VAL C 77 11.72 -7.87 35.78
N ALA C 78 12.73 -7.36 36.47
CA ALA C 78 13.91 -8.13 36.83
C ALA C 78 14.29 -7.81 38.27
N GLN C 79 14.58 -8.84 39.05
CA GLN C 79 14.89 -8.63 40.46
C GLN C 79 15.86 -9.71 40.94
N LYS C 80 16.84 -9.29 41.72
CA LYS C 80 17.84 -10.19 42.28
C LYS C 80 18.01 -9.88 43.75
N THR C 81 18.17 -10.93 44.56
CA THR C 81 18.29 -10.75 46.01
C THR C 81 19.33 -11.72 46.55
N VAL C 82 20.18 -11.24 47.46
CA VAL C 82 21.19 -12.07 48.08
C VAL C 82 20.54 -12.84 49.22
N GLU C 83 19.89 -12.12 50.14
CA GLU C 83 18.96 -12.73 51.08
C GLU C 83 17.87 -11.73 51.39
N GLY C 84 16.69 -12.21 51.75
CA GLY C 84 15.61 -11.34 52.11
C GLY C 84 14.34 -11.71 51.36
N ALA C 85 13.46 -10.73 51.22
CA ALA C 85 12.16 -10.93 50.58
C ALA C 85 11.88 -9.78 49.63
N GLY C 86 11.42 -10.11 48.43
CA GLY C 86 11.03 -9.10 47.46
C GLY C 86 9.60 -9.26 47.01
N SER C 87 8.76 -8.27 47.32
CA SER C 87 7.35 -8.28 46.94
C SER C 87 7.14 -7.21 45.89
N ILE C 88 6.96 -7.65 44.64
CA ILE C 88 6.82 -6.74 43.50
C ILE C 88 5.58 -7.14 42.73
N ALA C 89 4.70 -6.18 42.46
CA ALA C 89 3.52 -6.41 41.65
C ALA C 89 3.41 -5.33 40.60
N ALA C 90 3.09 -5.71 39.37
CA ALA C 90 2.96 -4.79 38.26
C ALA C 90 1.72 -5.10 37.45
N ALA C 91 0.94 -4.06 37.14
CA ALA C 91 -0.25 -4.18 36.30
C ALA C 91 -1.22 -5.22 36.86
N THR C 92 -1.67 -5.00 38.09
CA THR C 92 -2.57 -5.91 38.77
C THR C 92 -3.92 -5.24 38.97
N GLY C 93 -4.98 -6.06 38.91
CA GLY C 93 -6.32 -5.55 39.12
C GLY C 93 -7.12 -6.38 40.12
N PHE C 94 -7.49 -5.78 41.23
CA PHE C 94 -8.27 -6.44 42.28
C PHE C 94 -9.67 -5.85 42.28
N VAL C 95 -10.67 -6.71 42.13
CA VAL C 95 -12.06 -6.27 42.07
C VAL C 95 -12.86 -7.10 43.06
N LYS C 96 -13.70 -6.43 43.85
CA LYS C 96 -14.59 -7.12 44.77
C LYS C 96 -16.02 -6.63 44.62
N MET D 1 -35.41 17.70 -15.02
CA MET D 1 -35.15 16.55 -14.16
C MET D 1 -34.23 15.56 -14.85
N ASP D 2 -32.92 15.75 -14.66
CA ASP D 2 -31.90 14.81 -15.09
C ASP D 2 -30.54 15.28 -14.60
N VAL D 3 -29.63 14.32 -14.42
CA VAL D 3 -28.28 14.61 -13.94
C VAL D 3 -27.30 13.94 -14.90
N PHE D 4 -26.23 14.64 -15.24
CA PHE D 4 -25.25 14.15 -16.20
C PHE D 4 -23.87 14.12 -15.57
N MET D 5 -23.03 13.21 -16.03
CA MET D 5 -21.61 13.28 -15.70
C MET D 5 -20.84 13.92 -16.85
N LYS D 6 -21.05 13.44 -18.07
CA LYS D 6 -20.39 13.99 -19.25
C LYS D 6 -21.30 14.08 -20.46
N GLY D 7 -22.61 14.05 -20.28
CA GLY D 7 -23.54 13.94 -21.37
C GLY D 7 -24.27 15.23 -21.70
N LEU D 8 -25.17 15.13 -22.68
CA LEU D 8 -25.90 16.28 -23.19
C LEU D 8 -27.36 15.90 -23.40
N SER D 9 -28.24 16.90 -23.31
CA SER D 9 -29.68 16.66 -23.40
C SER D 9 -30.32 17.67 -24.34
N LYS D 10 -31.34 17.21 -25.08
CA LYS D 10 -32.18 18.04 -25.92
C LYS D 10 -31.33 18.90 -26.85
N ALA D 11 -30.58 18.22 -27.72
CA ALA D 11 -29.69 18.88 -28.64
C ALA D 11 -29.91 18.37 -30.04
N LYS D 12 -29.62 19.21 -31.03
CA LYS D 12 -29.76 18.85 -32.43
C LYS D 12 -28.39 18.97 -33.11
N GLU D 13 -28.04 17.95 -33.88
CA GLU D 13 -26.79 17.89 -34.62
C GLU D 13 -25.60 18.09 -33.66
N GLY D 14 -25.38 17.08 -32.82
CA GLY D 14 -24.28 17.10 -31.86
C GLY D 14 -23.09 16.29 -32.35
N VAL D 15 -21.90 16.85 -32.14
CA VAL D 15 -20.65 16.17 -32.45
C VAL D 15 -19.76 16.23 -31.21
N VAL D 16 -19.35 15.08 -30.71
CA VAL D 16 -18.59 14.97 -29.47
C VAL D 16 -17.37 14.10 -29.72
N ALA D 17 -16.21 14.56 -29.26
CA ALA D 17 -14.99 13.77 -29.31
C ALA D 17 -14.23 13.98 -28.00
N ALA D 18 -13.84 12.87 -27.35
CA ALA D 18 -13.18 12.95 -26.06
C ALA D 18 -12.24 11.77 -25.90
N ALA D 19 -11.24 11.95 -25.02
CA ALA D 19 -10.28 10.91 -24.72
C ALA D 19 -9.58 11.24 -23.41
N GLU D 20 -9.38 10.22 -22.58
CA GLU D 20 -8.84 10.44 -21.24
C GLU D 20 -7.76 9.42 -20.93
N LYS D 21 -6.85 9.80 -20.04
CA LYS D 21 -5.83 8.91 -19.50
C LYS D 21 -5.88 9.00 -17.97
N THR D 22 -7.09 8.93 -17.43
CA THR D 22 -7.36 9.26 -16.04
C THR D 22 -7.34 8.04 -15.14
N LYS D 23 -7.19 8.28 -13.84
CA LYS D 23 -7.28 7.26 -12.80
C LYS D 23 -8.19 7.81 -11.71
N GLN D 24 -9.49 7.61 -11.88
CA GLN D 24 -10.48 8.15 -10.95
C GLN D 24 -10.79 7.15 -9.85
N GLY D 25 -10.80 7.62 -8.62
CA GLY D 25 -11.16 6.78 -7.49
C GLY D 25 -12.62 6.37 -7.52
N VAL D 26 -13.51 7.36 -7.42
CA VAL D 26 -14.94 7.13 -7.48
C VAL D 26 -15.55 8.13 -8.46
N ALA D 27 -16.25 7.64 -9.47
CA ALA D 27 -16.94 8.47 -10.44
C ALA D 27 -18.44 8.23 -10.37
N GLU D 28 -18.96 8.06 -9.16
CA GLU D 28 -20.34 7.66 -8.98
C GLU D 28 -21.28 8.80 -9.33
N ALA D 29 -22.37 8.48 -10.03
CA ALA D 29 -23.40 9.44 -10.37
C ALA D 29 -24.68 9.06 -9.64
N ALA D 30 -25.19 9.98 -8.83
CA ALA D 30 -26.32 9.69 -7.96
C ALA D 30 -27.40 10.74 -8.14
N GLY D 31 -28.64 10.27 -8.32
CA GLY D 31 -29.80 11.15 -8.23
C GLY D 31 -30.70 10.71 -7.09
N LYS D 32 -30.77 11.52 -6.04
CA LYS D 32 -31.52 11.16 -4.85
C LYS D 32 -32.70 12.12 -4.69
N THR D 33 -33.89 11.65 -4.99
CA THR D 33 -35.11 12.41 -4.83
C THR D 33 -35.92 11.78 -3.69
N LYS D 34 -36.35 12.62 -2.74
CA LYS D 34 -37.04 12.16 -1.54
C LYS D 34 -38.21 13.09 -1.29
N GLU D 35 -39.41 12.62 -1.62
CA GLU D 35 -40.62 13.41 -1.44
C GLU D 35 -41.74 12.56 -0.84
N GLY D 36 -42.64 13.21 -0.11
CA GLY D 36 -43.75 12.52 0.52
C GLY D 36 -43.32 11.42 1.45
N VAL D 37 -42.67 11.79 2.56
CA VAL D 37 -42.08 10.82 3.47
C VAL D 37 -42.13 11.37 4.88
N LEU D 38 -42.28 10.46 5.85
CA LEU D 38 -42.45 10.81 7.25
C LEU D 38 -41.52 9.95 8.10
N TYR D 39 -41.03 10.51 9.21
CA TYR D 39 -40.06 9.83 10.04
C TYR D 39 -40.34 9.93 11.53
N VAL D 40 -41.57 9.65 11.97
CA VAL D 40 -41.88 9.70 13.39
C VAL D 40 -41.06 8.64 14.11
N GLY D 41 -40.26 9.07 15.08
CA GLY D 41 -39.49 8.17 15.91
C GLY D 41 -38.50 7.31 15.13
N SER D 42 -37.50 7.91 14.51
CA SER D 42 -36.59 7.13 13.68
C SER D 42 -35.23 7.81 13.62
N LYS D 43 -34.22 7.02 13.27
CA LYS D 43 -32.87 7.50 13.01
C LYS D 43 -32.46 7.13 11.60
N THR D 44 -32.00 8.12 10.84
CA THR D 44 -31.64 7.92 9.43
C THR D 44 -30.21 8.40 9.23
N LYS D 45 -29.40 7.58 8.55
CA LYS D 45 -28.01 7.90 8.24
C LYS D 45 -27.72 7.51 6.81
N GLU D 46 -27.19 8.45 6.03
CA GLU D 46 -26.79 8.20 4.64
C GLU D 46 -25.40 8.79 4.43
N GLY D 47 -24.53 8.04 3.76
CA GLY D 47 -23.17 8.51 3.58
C GLY D 47 -22.42 7.77 2.49
N VAL D 48 -21.43 8.46 1.92
CA VAL D 48 -20.48 7.90 0.98
C VAL D 48 -19.09 8.20 1.52
N VAL D 49 -18.28 7.15 1.70
CA VAL D 49 -17.06 7.25 2.49
C VAL D 49 -15.90 6.68 1.68
N HIS D 50 -14.70 7.23 1.88
CA HIS D 50 -13.45 6.67 1.37
C HIS D 50 -13.47 6.56 -0.16
N GLY D 51 -13.53 7.73 -0.79
CA GLY D 51 -13.40 7.80 -2.24
C GLY D 51 -11.97 7.96 -2.69
N VAL D 52 -11.04 7.25 -2.03
CA VAL D 52 -9.63 7.35 -2.36
C VAL D 52 -9.35 6.72 -3.72
N ALA D 53 -8.40 7.30 -4.45
CA ALA D 53 -8.03 6.78 -5.76
C ALA D 53 -6.81 5.86 -5.69
N THR D 54 -5.67 6.39 -5.24
CA THR D 54 -4.43 5.61 -5.27
C THR D 54 -3.57 5.98 -4.07
N VAL D 55 -2.72 5.03 -3.68
CA VAL D 55 -1.70 5.25 -2.66
C VAL D 55 -0.41 4.60 -3.13
N ALA D 56 0.72 5.21 -2.77
CA ALA D 56 2.05 4.64 -3.00
C ALA D 56 2.24 4.26 -4.47
N GLU D 57 1.78 5.13 -5.37
CA GLU D 57 1.88 4.90 -6.80
C GLU D 57 3.19 5.46 -7.32
N LYS D 58 3.91 4.66 -8.09
CA LYS D 58 5.16 5.08 -8.71
C LYS D 58 5.06 4.85 -10.22
N THR D 59 5.22 5.92 -10.99
CA THR D 59 5.10 5.86 -12.44
C THR D 59 6.28 6.59 -13.06
N LYS D 60 6.93 5.96 -14.03
CA LYS D 60 8.09 6.53 -14.70
C LYS D 60 7.99 6.28 -16.20
N GLU D 61 8.22 7.33 -16.99
CA GLU D 61 8.24 7.22 -18.44
C GLU D 61 9.49 7.89 -18.97
N GLN D 62 10.35 7.11 -19.61
CA GLN D 62 11.59 7.59 -20.20
C GLN D 62 11.52 7.44 -21.71
N VAL D 63 11.75 8.52 -22.43
CA VAL D 63 11.75 8.52 -23.89
C VAL D 63 13.10 9.02 -24.35
N THR D 64 13.85 8.15 -25.05
CA THR D 64 15.15 8.50 -25.59
C THR D 64 15.12 8.28 -27.09
N ASN D 65 15.09 9.38 -27.84
CA ASN D 65 14.99 9.34 -29.30
C ASN D 65 16.18 10.05 -29.91
N VAL D 66 16.79 9.44 -30.92
CA VAL D 66 17.91 10.02 -31.65
C VAL D 66 17.52 10.13 -33.11
N GLY D 67 17.37 11.35 -33.60
CA GLY D 67 17.06 11.58 -34.99
C GLY D 67 15.74 10.97 -35.44
N GLY D 68 14.70 11.15 -34.64
CA GLY D 68 13.40 10.58 -34.97
C GLY D 68 12.25 11.48 -34.56
N ALA D 69 11.04 10.93 -34.58
CA ALA D 69 9.86 11.67 -34.18
C ALA D 69 8.81 10.71 -33.64
N VAL D 70 8.44 10.88 -32.38
CA VAL D 70 7.49 9.99 -31.72
C VAL D 70 6.33 10.81 -31.19
N VAL D 71 5.18 10.16 -31.00
CA VAL D 71 3.97 10.83 -30.52
C VAL D 71 3.49 10.09 -29.28
N THR D 72 3.37 10.83 -28.18
CA THR D 72 2.85 10.27 -26.93
C THR D 72 1.87 11.26 -26.32
N GLY D 73 0.78 10.76 -25.78
CA GLY D 73 -0.18 11.58 -25.09
C GLY D 73 -1.59 11.31 -25.56
N VAL D 74 -2.47 12.23 -25.23
CA VAL D 74 -3.90 12.12 -25.55
C VAL D 74 -4.28 13.32 -26.42
N THR D 75 -4.95 13.04 -27.53
CA THR D 75 -5.38 14.09 -28.45
C THR D 75 -6.78 13.79 -28.95
N ALA D 76 -7.62 14.82 -29.00
CA ALA D 76 -8.98 14.70 -29.50
C ALA D 76 -9.27 15.86 -30.44
N VAL D 77 -9.82 15.56 -31.61
CA VAL D 77 -10.09 16.55 -32.64
C VAL D 77 -11.50 16.31 -33.16
N ALA D 78 -12.30 17.37 -33.25
CA ALA D 78 -13.64 17.30 -33.79
C ALA D 78 -13.87 18.50 -34.69
N GLN D 79 -14.45 18.27 -35.87
CA GLN D 79 -14.65 19.35 -36.82
C GLN D 79 -15.89 19.07 -37.66
N LYS D 80 -16.69 20.12 -37.89
CA LYS D 80 -17.90 20.02 -38.69
C LYS D 80 -17.93 21.18 -39.66
N THR D 81 -18.38 20.93 -40.88
CA THR D 81 -18.41 21.95 -41.91
C THR D 81 -19.69 21.81 -42.74
N VAL D 82 -20.32 22.94 -43.03
CA VAL D 82 -21.53 22.95 -43.84
C VAL D 82 -21.11 22.88 -45.31
N GLU D 83 -20.26 23.82 -45.73
CA GLU D 83 -19.54 23.69 -46.99
C GLU D 83 -18.20 24.35 -46.84
N GLY D 84 -17.21 23.91 -47.60
CA GLY D 84 -15.90 24.51 -47.56
C GLY D 84 -14.83 23.45 -47.39
N ALA D 85 -13.69 23.89 -46.86
CA ALA D 85 -12.53 23.03 -46.67
C ALA D 85 -11.93 23.26 -45.30
N GLY D 86 -11.62 22.16 -44.61
CA GLY D 86 -10.97 22.25 -43.31
C GLY D 86 -9.66 21.50 -43.28
N SER D 87 -8.56 22.22 -43.09
CA SER D 87 -7.23 21.63 -43.03
C SER D 87 -6.72 21.75 -41.60
N ILE D 88 -6.70 20.63 -40.89
CA ILE D 88 -6.32 20.58 -39.48
C ILE D 88 -5.27 19.50 -39.30
N ALA D 89 -4.16 19.84 -38.66
CA ALA D 89 -3.12 18.89 -38.36
C ALA D 89 -2.70 19.05 -36.91
N ALA D 90 -2.54 17.93 -36.20
CA ALA D 90 -2.17 17.93 -34.80
C ALA D 90 -1.09 16.88 -34.55
N ALA D 91 -0.04 17.29 -33.83
CA ALA D 91 1.03 16.39 -33.41
C ALA D 91 1.67 15.70 -34.61
N THR D 92 2.17 16.50 -35.55
CA THR D 92 2.78 15.99 -36.77
C THR D 92 4.27 16.27 -36.78
N GLY D 93 5.03 15.36 -37.36
CA GLY D 93 6.47 15.53 -37.47
C GLY D 93 6.99 15.29 -38.87
N PHE D 94 7.56 16.32 -39.47
CA PHE D 94 8.11 16.25 -40.82
C PHE D 94 9.63 16.35 -40.71
N VAL D 95 10.34 15.36 -41.25
CA VAL D 95 11.79 15.31 -41.18
C VAL D 95 12.32 15.08 -42.59
N LYS D 96 13.34 15.84 -42.97
CA LYS D 96 14.00 15.65 -44.25
C LYS D 96 15.51 15.57 -44.06
N MET E 1 36.89 -12.51 17.65
CA MET E 1 36.46 -12.80 16.28
C MET E 1 35.22 -13.69 16.27
N ASP E 2 34.06 -13.05 16.30
CA ASP E 2 32.77 -13.71 16.12
C ASP E 2 31.66 -12.67 16.08
N VAL E 3 30.57 -13.02 15.39
CA VAL E 3 29.42 -12.13 15.25
C VAL E 3 28.18 -12.91 15.64
N PHE E 4 27.29 -12.26 16.39
CA PHE E 4 26.09 -12.91 16.91
C PHE E 4 24.86 -12.15 16.45
N MET E 5 23.74 -12.87 16.31
CA MET E 5 22.46 -12.20 16.15
C MET E 5 21.73 -12.16 17.48
N LYS E 6 21.63 -13.30 18.17
CA LYS E 6 20.97 -13.38 19.46
C LYS E 6 21.68 -14.28 20.45
N GLY E 7 22.96 -14.59 20.22
CA GLY E 7 23.67 -15.59 20.99
C GLY E 7 24.65 -15.01 22.00
N LEU E 8 25.34 -15.91 22.68
CA LEU E 8 26.27 -15.57 23.74
C LEU E 8 27.54 -16.41 23.61
N SER E 9 28.66 -15.86 24.10
CA SER E 9 29.95 -16.51 23.97
C SER E 9 30.69 -16.49 25.30
N LYS E 10 31.43 -17.57 25.56
CA LYS E 10 32.34 -17.68 26.70
C LYS E 10 31.62 -17.33 28.01
N ALA E 11 30.60 -18.13 28.31
CA ALA E 11 29.79 -17.89 29.49
C ALA E 11 29.66 -19.17 30.29
N LYS E 12 29.48 -19.02 31.59
CA LYS E 12 29.30 -20.16 32.49
C LYS E 12 27.95 -20.06 33.17
N GLU E 13 27.23 -21.19 33.18
CA GLU E 13 25.91 -21.29 33.80
C GLU E 13 24.96 -20.23 33.21
N GLY E 14 24.61 -20.44 31.94
CA GLY E 14 23.71 -19.54 31.24
C GLY E 14 22.29 -20.08 31.19
N VAL E 15 21.32 -19.20 31.41
CA VAL E 15 19.90 -19.52 31.31
C VAL E 15 19.26 -18.49 30.40
N VAL E 16 18.63 -18.95 29.31
CA VAL E 16 18.05 -18.07 28.30
C VAL E 16 16.63 -18.52 28.03
N ALA E 17 15.70 -17.57 27.99
CA ALA E 17 14.32 -17.83 27.61
C ALA E 17 13.84 -16.69 26.73
N ALA E 18 13.28 -17.04 25.57
CA ALA E 18 12.85 -16.03 24.61
C ALA E 18 11.66 -16.54 23.81
N ALA E 19 10.89 -15.61 23.26
CA ALA E 19 9.74 -15.94 22.44
C ALA E 19 9.34 -14.72 21.62
N GLU E 20 9.01 -14.94 20.36
CA GLU E 20 8.73 -13.84 19.44
C GLU E 20 7.48 -14.12 18.62
N LYS E 21 6.83 -13.04 18.20
CA LYS E 21 5.71 -13.09 17.27
C LYS E 21 6.00 -12.15 16.10
N THR E 22 7.22 -12.25 15.56
CA THR E 22 7.75 -11.26 14.65
C THR E 22 7.55 -11.65 13.20
N LYS E 23 7.65 -10.66 12.31
CA LYS E 23 7.62 -10.86 10.86
C LYS E 23 8.79 -10.07 10.29
N GLN E 24 9.95 -10.70 10.23
CA GLN E 24 11.17 -10.03 9.78
C GLN E 24 11.36 -10.25 8.28
N GLY E 25 11.67 -9.16 7.57
CA GLY E 25 11.95 -9.26 6.16
C GLY E 25 13.24 -10.01 5.88
N VAL E 26 14.36 -9.47 6.34
CA VAL E 26 15.66 -10.10 6.20
C VAL E 26 16.36 -10.08 7.55
N ALA E 27 16.76 -11.25 8.02
CA ALA E 27 17.49 -11.40 9.27
C ALA E 27 18.87 -11.97 9.01
N GLU E 28 19.50 -11.56 7.92
CA GLU E 28 20.74 -12.15 7.46
C GLU E 28 21.88 -11.77 8.39
N ALA E 29 22.73 -12.74 8.71
CA ALA E 29 23.92 -12.52 9.51
C ALA E 29 25.15 -12.76 8.65
N ALA E 30 25.99 -11.73 8.52
CA ALA E 30 27.13 -11.78 7.60
C ALA E 30 28.41 -11.41 8.33
N GLY E 31 29.44 -12.23 8.14
CA GLY E 31 30.79 -11.86 8.54
C GLY E 31 31.70 -11.79 7.33
N LYS E 32 32.12 -10.58 6.96
CA LYS E 32 32.92 -10.37 5.76
C LYS E 32 34.31 -9.90 6.16
N THR E 33 35.29 -10.79 6.07
CA THR E 33 36.68 -10.48 6.33
C THR E 33 37.44 -10.52 5.02
N LYS E 34 38.20 -9.46 4.74
CA LYS E 34 38.91 -9.31 3.47
C LYS E 34 40.32 -8.81 3.78
N GLU E 35 41.29 -9.70 3.71
CA GLU E 35 42.68 -9.36 3.99
C GLU E 35 43.60 -9.98 2.95
N GLY E 36 44.73 -9.32 2.71
CA GLY E 36 45.71 -9.80 1.76
C GLY E 36 45.14 -9.95 0.36
N VAL E 37 44.78 -8.84 -0.27
CA VAL E 37 44.09 -8.88 -1.55
C VAL E 37 44.48 -7.65 -2.36
N LEU E 38 44.53 -7.81 -3.68
CA LEU E 38 44.99 -6.78 -4.61
C LEU E 38 43.99 -6.66 -5.76
N TYR E 39 43.83 -5.45 -6.27
CA TYR E 39 42.83 -5.19 -7.32
C TYR E 39 43.35 -4.33 -8.46
N VAL E 40 44.51 -4.65 -9.02
CA VAL E 40 45.02 -3.86 -10.14
C VAL E 40 44.07 -4.00 -11.32
N GLY E 41 43.55 -2.88 -11.80
CA GLY E 41 42.70 -2.85 -12.96
C GLY E 41 41.42 -3.68 -12.82
N SER E 42 40.53 -3.28 -11.92
CA SER E 42 39.35 -4.09 -11.68
C SER E 42 38.21 -3.21 -11.16
N LYS E 43 36.99 -3.72 -11.31
CA LYS E 43 35.79 -3.10 -10.77
C LYS E 43 35.10 -4.08 -9.84
N THR E 44 34.82 -3.65 -8.61
CA THR E 44 34.21 -4.51 -7.59
C THR E 44 32.94 -3.86 -7.08
N LYS E 45 31.86 -4.64 -6.99
CA LYS E 45 30.58 -4.17 -6.50
C LYS E 45 30.00 -5.22 -5.56
N GLU E 46 29.62 -4.80 -4.36
CA GLU E 46 28.98 -5.67 -3.38
C GLU E 46 27.77 -4.95 -2.81
N GLY E 47 26.65 -5.66 -2.67
CA GLY E 47 25.45 -5.01 -2.18
C GLY E 47 24.40 -5.98 -1.72
N VAL E 48 23.55 -5.49 -0.81
CA VAL E 48 22.36 -6.19 -0.36
C VAL E 48 21.18 -5.24 -0.54
N VAL E 49 20.16 -5.69 -1.28
CA VAL E 49 19.13 -4.80 -1.80
C VAL E 49 17.77 -5.36 -1.44
N HIS E 50 16.79 -4.48 -1.22
CA HIS E 50 15.38 -4.83 -1.08
C HIS E 50 15.15 -5.82 0.07
N GLY E 51 15.42 -5.32 1.27
CA GLY E 51 15.11 -6.09 2.47
C GLY E 51 13.71 -5.79 2.99
N VAL E 52 12.75 -5.68 2.08
CA VAL E 52 11.37 -5.37 2.47
C VAL E 52 10.75 -6.56 3.19
N ALA E 53 9.89 -6.27 4.18
CA ALA E 53 9.21 -7.33 4.91
C ALA E 53 7.82 -7.62 4.35
N THR E 54 6.93 -6.63 4.38
CA THR E 54 5.55 -6.87 3.98
C THR E 54 4.99 -5.64 3.29
N VAL E 55 3.98 -5.87 2.44
CA VAL E 55 3.22 -4.81 1.81
C VAL E 55 1.74 -5.19 1.84
N ALA E 56 0.88 -4.19 1.97
CA ALA E 56 -0.57 -4.37 1.88
C ALA E 56 -1.07 -5.46 2.83
N GLU E 57 -0.52 -5.46 4.04
CA GLU E 57 -0.88 -6.44 5.06
C GLU E 57 -2.07 -5.94 5.86
N LYS E 58 -3.07 -6.79 6.03
CA LYS E 58 -4.25 -6.46 6.84
C LYS E 58 -4.42 -7.54 7.90
N THR E 59 -4.41 -7.14 9.17
CA THR E 59 -4.51 -8.07 10.29
C THR E 59 -5.54 -7.53 11.27
N LYS E 60 -6.46 -8.39 11.70
CA LYS E 60 -7.51 -8.00 12.62
C LYS E 60 -7.71 -9.09 13.67
N GLU E 61 -7.75 -8.70 14.94
CA GLU E 61 -8.00 -9.62 16.04
C GLU E 61 -9.11 -9.05 16.91
N GLN E 62 -10.22 -9.78 17.00
CA GLN E 62 -11.36 -9.38 17.81
C GLN E 62 -11.55 -10.41 18.92
N VAL E 63 -11.59 -9.93 20.16
CA VAL E 63 -11.80 -10.79 21.33
C VAL E 63 -13.03 -10.29 22.06
N THR E 64 -14.07 -11.12 22.12
CA THR E 64 -15.30 -10.80 22.83
C THR E 64 -15.54 -11.85 23.89
N ASN E 65 -15.33 -11.48 25.15
CA ASN E 65 -15.45 -12.38 26.28
C ASN E 65 -16.49 -11.85 27.25
N VAL E 66 -17.37 -12.73 27.72
CA VAL E 66 -18.39 -12.38 28.70
C VAL E 66 -18.21 -13.27 29.90
N GLY E 67 -17.82 -12.67 31.04
CA GLY E 67 -17.65 -13.40 32.27
C GLY E 67 -16.62 -14.51 32.20
N GLY E 68 -15.46 -14.22 31.62
CA GLY E 68 -14.42 -15.21 31.50
C GLY E 68 -13.03 -14.64 31.65
N ALA E 69 -12.02 -15.42 31.27
CA ALA E 69 -10.63 -14.97 31.36
C ALA E 69 -9.82 -15.70 30.30
N VAL E 70 -9.23 -14.94 29.38
CA VAL E 70 -8.47 -15.51 28.27
C VAL E 70 -7.06 -14.91 28.29
N VAL E 71 -6.12 -15.62 27.70
CA VAL E 71 -4.72 -15.21 27.67
C VAL E 71 -4.28 -15.17 26.21
N THR E 72 -3.80 -14.01 25.76
CA THR E 72 -3.28 -13.85 24.41
C THR E 72 -2.01 -13.04 24.48
N GLY E 73 -1.01 -13.44 23.70
CA GLY E 73 0.21 -12.67 23.60
C GLY E 73 1.42 -13.57 23.73
N VAL E 74 2.56 -12.94 23.99
CA VAL E 74 3.84 -13.63 24.12
C VAL E 74 4.39 -13.35 25.50
N THR E 75 4.81 -14.40 26.20
CA THR E 75 5.35 -14.27 27.55
C THR E 75 6.55 -15.20 27.70
N ALA E 76 7.61 -14.70 28.32
CA ALA E 76 8.81 -15.48 28.59
C ALA E 76 9.25 -15.23 30.02
N VAL E 77 9.52 -16.31 30.75
CA VAL E 77 9.91 -16.24 32.16
C VAL E 77 11.11 -17.15 32.37
N ALA E 78 12.14 -16.62 33.04
CA ALA E 78 13.33 -17.38 33.37
C ALA E 78 13.74 -17.08 34.80
N GLN E 79 14.06 -18.10 35.57
CA GLN E 79 14.40 -17.91 36.98
C GLN E 79 15.38 -18.98 37.43
N LYS E 80 16.39 -18.55 38.19
CA LYS E 80 17.40 -19.45 38.72
C LYS E 80 17.60 -19.14 40.20
N THR E 81 17.78 -20.18 41.00
CA THR E 81 17.94 -20.02 42.44
C THR E 81 18.99 -20.97 42.95
N VAL E 82 19.85 -20.48 43.83
CA VAL E 82 20.89 -21.31 44.43
C VAL E 82 20.27 -22.09 45.58
N GLU E 83 19.64 -21.39 46.53
CA GLU E 83 18.74 -22.01 47.48
C GLU E 83 17.65 -21.01 47.83
N GLY E 84 16.49 -21.50 48.21
CA GLY E 84 15.39 -20.64 48.60
C GLY E 84 14.12 -21.03 47.87
N ALA E 85 13.22 -20.04 47.75
CA ALA E 85 11.92 -20.25 47.15
C ALA E 85 11.60 -19.10 46.22
N GLY E 86 11.12 -19.43 45.02
CA GLY E 86 10.70 -18.42 44.07
C GLY E 86 9.25 -18.58 43.64
N SER E 87 8.43 -17.61 43.98
CA SER E 87 7.00 -17.63 43.64
C SER E 87 6.77 -16.55 42.59
N ILE E 88 6.55 -16.98 41.34
CA ILE E 88 6.38 -16.07 40.21
C ILE E 88 5.12 -16.48 39.46
N ALA E 89 4.23 -15.53 39.21
CA ALA E 89 3.04 -15.77 38.44
C ALA E 89 2.89 -14.68 37.39
N ALA E 90 2.54 -15.06 36.17
CA ALA E 90 2.39 -14.14 35.07
C ALA E 90 1.12 -14.46 34.29
N ALA E 91 0.33 -13.42 33.99
CA ALA E 91 -0.87 -13.55 33.18
C ALA E 91 -1.83 -14.59 33.76
N THR E 92 -2.24 -14.38 34.99
CA THR E 92 -3.13 -15.31 35.69
C THR E 92 -4.48 -14.65 35.94
N GLY E 93 -5.53 -15.46 35.89
CA GLY E 93 -6.87 -14.98 36.14
C GLY E 93 -7.63 -15.82 37.14
N PHE E 94 -7.99 -15.22 38.27
CA PHE E 94 -8.73 -15.90 39.32
C PHE E 94 -10.13 -15.31 39.37
N VAL E 95 -11.13 -16.17 39.23
CA VAL E 95 -12.53 -15.75 39.21
C VAL E 95 -13.31 -16.58 40.22
N LYS E 96 -14.13 -15.93 41.03
CA LYS E 96 -14.99 -16.63 41.97
C LYS E 96 -16.43 -16.14 41.84
N MET F 1 -37.37 8.25 -17.23
CA MET F 1 -37.08 7.10 -16.40
C MET F 1 -36.17 6.10 -17.11
N ASP F 2 -34.85 6.32 -16.95
CA ASP F 2 -33.84 5.39 -17.40
C ASP F 2 -32.46 5.86 -16.94
N VAL F 3 -31.55 4.91 -16.78
CA VAL F 3 -30.19 5.21 -16.34
C VAL F 3 -29.23 4.53 -17.31
N PHE F 4 -28.16 5.25 -17.68
CA PHE F 4 -27.20 4.78 -18.66
C PHE F 4 -25.81 4.76 -18.06
N MET F 5 -24.97 3.86 -18.55
CA MET F 5 -23.55 3.93 -18.25
C MET F 5 -22.81 4.59 -19.41
N LYS F 6 -23.05 4.11 -20.64
CA LYS F 6 -22.40 4.67 -21.82
C LYS F 6 -23.35 4.76 -23.02
N GLY F 7 -24.66 4.71 -22.80
CA GLY F 7 -25.61 4.60 -23.88
C GLY F 7 -26.36 5.89 -24.18
N LEU F 8 -27.28 5.79 -25.14
CA LEU F 8 -28.03 6.93 -25.63
C LEU F 8 -29.50 6.53 -25.81
N SER F 9 -30.39 7.52 -25.69
CA SER F 9 -31.82 7.28 -25.75
C SER F 9 -32.49 8.29 -26.67
N LYS F 10 -33.52 7.81 -27.39
CA LYS F 10 -34.39 8.65 -28.21
C LYS F 10 -33.57 9.52 -29.17
N ALA F 11 -32.84 8.84 -30.04
CA ALA F 11 -31.97 9.53 -30.98
C ALA F 11 -32.21 9.01 -32.38
N LYS F 12 -31.96 9.86 -33.37
CA LYS F 12 -32.12 9.50 -34.77
C LYS F 12 -30.78 9.63 -35.47
N GLU F 13 -30.43 8.61 -36.26
CA GLU F 13 -29.19 8.57 -37.03
C GLU F 13 -27.99 8.78 -36.10
N GLY F 14 -27.74 7.77 -35.27
CA GLY F 14 -26.62 7.80 -34.34
C GLY F 14 -25.43 6.99 -34.84
N VAL F 15 -24.24 7.56 -34.67
CA VAL F 15 -22.99 6.90 -35.00
C VAL F 15 -22.08 6.96 -33.79
N VAL F 16 -21.66 5.80 -33.30
CA VAL F 16 -20.86 5.71 -32.08
C VAL F 16 -19.64 4.85 -32.36
N ALA F 17 -18.47 5.30 -31.92
CA ALA F 17 -17.23 4.53 -32.00
C ALA F 17 -16.45 4.74 -30.72
N ALA F 18 -16.05 3.64 -30.09
CA ALA F 18 -15.36 3.71 -28.80
C ALA F 18 -14.40 2.54 -28.66
N ALA F 19 -13.39 2.72 -27.81
CA ALA F 19 -12.41 1.68 -27.54
C ALA F 19 -11.69 2.02 -26.24
N GLU F 20 -11.46 1.00 -25.41
CA GLU F 20 -10.89 1.21 -24.09
C GLU F 20 -9.79 0.20 -23.80
N LYS F 21 -8.86 0.58 -22.95
CA LYS F 21 -7.83 -0.30 -22.41
C LYS F 21 -7.85 -0.21 -20.90
N THR F 22 -9.04 -0.30 -20.33
CA THR F 22 -9.27 0.03 -18.93
C THR F 22 -9.24 -1.20 -18.04
N LYS F 23 -9.05 -0.95 -16.74
CA LYS F 23 -9.10 -1.98 -15.70
C LYS F 23 -10.00 -1.44 -14.59
N GLN F 24 -11.30 -1.65 -14.73
CA GLN F 24 -12.27 -1.12 -13.78
C GLN F 24 -12.55 -2.13 -12.68
N GLY F 25 -12.53 -1.66 -11.43
CA GLY F 25 -12.87 -2.51 -10.30
C GLY F 25 -14.32 -2.93 -10.31
N VAL F 26 -15.22 -1.95 -10.18
CA VAL F 26 -16.65 -2.19 -10.22
C VAL F 26 -17.27 -1.19 -11.17
N ALA F 27 -18.01 -1.69 -12.16
CA ALA F 27 -18.72 -0.86 -13.12
C ALA F 27 -20.22 -1.10 -13.02
N GLU F 28 -20.71 -1.30 -11.80
CA GLU F 28 -22.08 -1.70 -11.58
C GLU F 28 -23.04 -0.56 -11.92
N ALA F 29 -24.13 -0.89 -12.59
CA ALA F 29 -25.18 0.07 -12.89
C ALA F 29 -26.44 -0.32 -12.15
N ALA F 30 -26.94 0.58 -11.30
CA ALA F 30 -28.06 0.28 -10.41
C ALA F 30 -29.15 1.32 -10.57
N GLY F 31 -30.38 0.85 -10.72
CA GLY F 31 -31.54 1.71 -10.61
C GLY F 31 -32.42 1.26 -9.45
N LYS F 32 -32.47 2.07 -8.39
CA LYS F 32 -33.19 1.70 -7.18
C LYS F 32 -34.37 2.65 -7.00
N THR F 33 -35.58 2.16 -7.27
CA THR F 33 -36.79 2.92 -7.07
C THR F 33 -37.57 2.29 -5.92
N LYS F 34 -37.98 3.11 -4.96
CA LYS F 34 -38.63 2.64 -3.74
C LYS F 34 -39.82 3.57 -3.47
N GLU F 35 -41.03 3.08 -3.76
CA GLU F 35 -42.24 3.87 -3.56
C GLU F 35 -43.32 3.00 -2.94
N GLY F 36 -44.21 3.64 -2.19
CA GLY F 36 -45.31 2.95 -1.54
C GLY F 36 -44.84 1.85 -0.61
N VAL F 37 -44.17 2.22 0.48
CA VAL F 37 -43.55 1.24 1.37
C VAL F 37 -43.57 1.79 2.79
N LEU F 38 -43.71 0.88 3.75
CA LEU F 38 -43.85 1.22 5.16
C LEU F 38 -42.89 0.37 5.99
N TYR F 39 -42.37 0.93 7.08
CA TYR F 39 -41.37 0.24 7.90
C TYR F 39 -41.62 0.34 9.39
N VAL F 40 -42.85 0.05 9.85
CA VAL F 40 -43.12 0.10 11.28
C VAL F 40 -42.28 -0.96 11.99
N GLY F 41 -41.45 -0.53 12.93
CA GLY F 41 -40.66 -1.43 13.73
C GLY F 41 -39.70 -2.28 12.93
N SER F 42 -38.70 -1.67 12.30
CA SER F 42 -37.81 -2.43 11.44
C SER F 42 -36.44 -1.74 11.35
N LYS F 43 -35.44 -2.53 10.97
CA LYS F 43 -34.10 -2.03 10.70
C LYS F 43 -33.72 -2.39 9.27
N THR F 44 -33.29 -1.40 8.50
CA THR F 44 -32.95 -1.59 7.09
C THR F 44 -31.53 -1.11 6.85
N LYS F 45 -30.74 -1.92 6.15
CA LYS F 45 -29.36 -1.58 5.81
C LYS F 45 -29.10 -1.96 4.36
N GLU F 46 -28.60 -1.02 3.58
CA GLU F 46 -28.22 -1.25 2.19
C GLU F 46 -26.84 -0.66 1.95
N GLY F 47 -25.98 -1.40 1.25
CA GLY F 47 -24.63 -0.92 1.04
C GLY F 47 -23.90 -1.64 -0.07
N VAL F 48 -22.94 -0.94 -0.65
CA VAL F 48 -22.00 -1.49 -1.61
C VAL F 48 -20.59 -1.19 -1.12
N VAL F 49 -19.78 -2.23 -0.95
CA VAL F 49 -18.54 -2.12 -0.19
C VAL F 49 -17.40 -2.68 -1.03
N HIS F 50 -16.19 -2.12 -0.86
CA HIS F 50 -14.95 -2.66 -1.40
C HIS F 50 -15.00 -2.77 -2.93
N GLY F 51 -15.09 -1.61 -3.56
CA GLY F 51 -14.99 -1.54 -5.00
C GLY F 51 -13.57 -1.36 -5.48
N VAL F 52 -12.63 -2.06 -4.85
CA VAL F 52 -11.22 -1.94 -5.21
C VAL F 52 -10.98 -2.57 -6.58
N ALA F 53 -10.04 -1.97 -7.34
CA ALA F 53 -9.69 -2.51 -8.65
C ALA F 53 -8.46 -3.40 -8.61
N THR F 54 -7.32 -2.86 -8.19
CA THR F 54 -6.08 -3.64 -8.24
C THR F 54 -5.19 -3.27 -7.07
N VAL F 55 -4.33 -4.20 -6.70
CA VAL F 55 -3.30 -3.98 -5.70
C VAL F 55 -2.00 -4.62 -6.20
N ALA F 56 -0.87 -4.00 -5.86
CA ALA F 56 0.46 -4.56 -6.13
C ALA F 56 0.62 -4.94 -7.60
N GLU F 57 0.14 -4.07 -8.48
CA GLU F 57 0.20 -4.29 -9.92
C GLU F 57 1.50 -3.72 -10.46
N LYS F 58 2.21 -4.52 -11.26
CA LYS F 58 3.44 -4.08 -11.91
C LYS F 58 3.31 -4.31 -13.40
N THR F 59 3.43 -3.23 -14.18
CA THR F 59 3.29 -3.29 -15.63
C THR F 59 4.44 -2.54 -16.27
N LYS F 60 5.07 -3.17 -17.27
CA LYS F 60 6.21 -2.58 -17.95
C LYS F 60 6.08 -2.84 -19.45
N GLU F 61 6.28 -1.78 -20.24
CA GLU F 61 6.27 -1.88 -21.69
C GLU F 61 7.51 -1.20 -22.25
N GLN F 62 8.35 -1.98 -22.92
CA GLN F 62 9.57 -1.48 -23.52
C GLN F 62 9.48 -1.63 -25.04
N VAL F 63 9.68 -0.54 -25.76
CA VAL F 63 9.65 -0.53 -27.21
C VAL F 63 10.99 -0.03 -27.71
N THR F 64 11.72 -0.88 -28.42
CA THR F 64 13.01 -0.52 -29.00
C THR F 64 12.94 -0.73 -30.50
N ASN F 65 12.88 0.36 -31.25
CA ASN F 65 12.76 0.32 -32.70
C ASN F 65 13.93 1.06 -33.34
N VAL F 66 14.52 0.44 -34.36
CA VAL F 66 15.62 1.04 -35.11
C VAL F 66 15.19 1.15 -36.56
N GLY F 67 15.02 2.37 -37.05
CA GLY F 67 14.68 2.61 -38.43
C GLY F 67 13.37 1.99 -38.85
N GLY F 68 12.33 2.15 -38.02
CA GLY F 68 11.03 1.58 -38.32
C GLY F 68 9.88 2.47 -37.89
N ALA F 69 8.67 1.91 -37.87
CA ALA F 69 7.50 2.64 -37.45
C ALA F 69 6.47 1.67 -36.89
N VAL F 70 6.13 1.83 -35.63
CA VAL F 70 5.20 0.92 -34.95
C VAL F 70 4.05 1.74 -34.39
N VAL F 71 2.91 1.08 -34.17
CA VAL F 71 1.71 1.73 -33.67
C VAL F 71 1.26 1.00 -32.42
N THR F 72 1.15 1.72 -31.31
CA THR F 72 0.68 1.16 -30.05
C THR F 72 -0.30 2.14 -29.42
N GLY F 73 -1.38 1.62 -28.86
CA GLY F 73 -2.33 2.44 -28.14
C GLY F 73 -3.74 2.16 -28.57
N VAL F 74 -4.63 3.07 -28.21
CA VAL F 74 -6.05 2.95 -28.51
C VAL F 74 -6.47 4.14 -29.36
N THR F 75 -7.17 3.87 -30.46
CA THR F 75 -7.61 4.92 -31.36
C THR F 75 -9.04 4.61 -31.82
N ALA F 76 -9.88 5.64 -31.87
CA ALA F 76 -11.26 5.51 -32.33
C ALA F 76 -11.57 6.67 -33.25
N VAL F 77 -12.14 6.36 -34.43
CA VAL F 77 -12.45 7.36 -35.43
C VAL F 77 -13.87 7.11 -35.93
N ALA F 78 -14.67 8.16 -35.99
CA ALA F 78 -16.03 8.09 -36.50
C ALA F 78 -16.29 9.29 -37.40
N GLN F 79 -16.90 9.06 -38.55
CA GLN F 79 -17.13 10.14 -39.49
C GLN F 79 -18.38 9.85 -40.31
N LYS F 80 -19.19 10.88 -40.51
CA LYS F 80 -20.41 10.78 -41.29
C LYS F 80 -20.48 11.95 -42.25
N THR F 81 -20.96 11.69 -43.48
CA THR F 81 -21.02 12.73 -44.49
C THR F 81 -22.31 12.58 -45.29
N VAL F 82 -22.96 13.71 -45.57
CA VAL F 82 -24.19 13.70 -46.36
C VAL F 82 -23.80 13.65 -47.83
N GLU F 83 -22.97 14.59 -48.26
CA GLU F 83 -22.28 14.46 -49.54
C GLU F 83 -20.93 15.15 -49.41
N GLY F 84 -19.96 14.72 -50.21
CA GLY F 84 -18.65 15.33 -50.19
C GLY F 84 -17.57 14.28 -50.05
N ALA F 85 -16.42 14.72 -49.54
CA ALA F 85 -15.25 13.87 -49.39
C ALA F 85 -14.63 14.10 -48.02
N GLY F 86 -14.29 13.00 -47.34
CA GLY F 86 -13.61 13.08 -46.07
C GLY F 86 -12.29 12.35 -46.06
N SER F 87 -11.19 13.07 -45.90
CA SER F 87 -9.85 12.50 -45.88
C SER F 87 -9.32 12.61 -44.44
N ILE F 88 -9.28 11.48 -43.75
CA ILE F 88 -8.86 11.44 -42.34
C ILE F 88 -7.81 10.37 -42.19
N ALA F 89 -6.68 10.72 -41.58
CA ALA F 89 -5.62 9.76 -41.31
C ALA F 89 -5.18 9.93 -39.86
N ALA F 90 -4.99 8.80 -39.18
CA ALA F 90 -4.59 8.81 -37.78
C ALA F 90 -3.50 7.77 -37.56
N ALA F 91 -2.44 8.18 -36.85
CA ALA F 91 -1.34 7.29 -36.47
C ALA F 91 -0.74 6.61 -37.68
N THR F 92 -0.25 7.41 -38.62
CA THR F 92 0.33 6.90 -39.86
C THR F 92 1.82 7.20 -39.89
N GLY F 93 2.57 6.29 -40.51
CA GLY F 93 4.01 6.47 -40.65
C GLY F 93 4.50 6.25 -42.06
N PHE F 94 5.05 7.29 -42.67
CA PHE F 94 5.57 7.23 -44.03
C PHE F 94 7.09 7.34 -43.95
N VAL F 95 7.78 6.35 -44.51
CA VAL F 95 9.24 6.30 -44.48
C VAL F 95 9.74 6.09 -45.90
N LYS F 96 10.75 6.87 -46.30
CA LYS F 96 11.37 6.68 -47.60
C LYS F 96 12.89 6.62 -47.45
#